data_5ANP
#
_entry.id   5ANP
#
_cell.length_a   34.623
_cell.length_b   58.135
_cell.length_c   60.198
_cell.angle_alpha   90.00
_cell.angle_beta   96.04
_cell.angle_gamma   90.00
#
_symmetry.space_group_name_H-M   'P 1 21 1'
#
loop_
_entity.id
_entity.type
_entity.pdbx_description
1 polymer BA41
2 water water
#
_entity_poly.entity_id   1
_entity_poly.type   'polypeptide(L)'
_entity_poly.pdbx_seq_one_letter_code
;MPKLISSLFRNFTFKQYSLVCAMLFLGLQPVLGQFTIPEVPKEQTSVYDYAELLSAAEKASLENKLIKYSDTTSTQIVVV
IIPSTNGENINYLGAQWGEKWGIGQAKEDNGVLIILALNDKRIAINTGYGVEHLLTDAMSKRIIELDITPFFKRKDYPGG
LDRGADAIFEVLTGEYQGSRQDNSEEGFPLGSLFFLVIIFIFILISTTKKGRGGDGGSGNKSGGFSFLDAIILSSMGRGN
SSGGFGGSSGGGFGGGGGFGGGFGGGGFGGGGASGGW
;
_entity_poly.pdbx_strand_id   A,B
#
# COMPACT_ATOMS: atom_id res chain seq x y z
N GLN A 34 -13.71 23.07 -20.43
CA GLN A 34 -13.98 21.68 -20.08
C GLN A 34 -13.28 21.24 -18.79
N PHE A 35 -12.14 20.57 -18.92
CA PHE A 35 -11.35 20.04 -17.82
C PHE A 35 -10.20 21.00 -17.57
N THR A 36 -9.88 21.32 -16.30
CA THR A 36 -8.68 22.15 -16.09
C THR A 36 -7.47 21.29 -15.80
N ILE A 37 -6.62 21.12 -16.81
CA ILE A 37 -5.43 20.30 -16.64
C ILE A 37 -4.34 21.24 -16.19
N PRO A 38 -3.58 20.89 -15.13
CA PRO A 38 -2.47 21.75 -14.70
C PRO A 38 -1.30 21.74 -15.67
N GLU A 39 -0.31 22.60 -15.36
CA GLU A 39 0.92 22.68 -16.11
C GLU A 39 1.72 21.37 -15.98
N VAL A 40 2.53 21.07 -16.99
CA VAL A 40 3.47 19.95 -16.95
C VAL A 40 4.55 20.41 -15.94
N PRO A 41 4.82 19.74 -14.81
CA PRO A 41 5.84 20.29 -13.88
C PRO A 41 7.26 20.21 -14.45
N LYS A 42 8.17 21.00 -13.89
CA LYS A 42 9.60 21.01 -14.23
C LYS A 42 10.16 19.62 -14.03
N GLU A 43 9.75 18.95 -12.91
CA GLU A 43 10.21 17.60 -12.57
C GLU A 43 9.17 16.58 -13.03
N GLN A 44 9.43 16.01 -14.20
CA GLN A 44 8.51 15.01 -14.76
C GLN A 44 8.97 13.63 -14.26
N THR A 45 8.53 13.27 -13.07
CA THR A 45 8.96 12.05 -12.40
C THR A 45 8.10 10.82 -12.68
N SER A 46 7.00 11.02 -13.40
CA SER A 46 6.03 10.01 -13.82
C SER A 46 4.92 9.69 -12.83
N VAL A 47 4.96 10.26 -11.63
CA VAL A 47 3.89 10.13 -10.66
C VAL A 47 3.53 11.52 -10.21
N TYR A 48 2.24 11.88 -10.34
CA TYR A 48 1.78 13.23 -9.99
C TYR A 48 0.65 13.09 -9.01
N ASP A 49 0.92 13.38 -7.75
CA ASP A 49 -0.06 13.17 -6.70
C ASP A 49 -0.58 14.49 -6.23
N TYR A 50 -1.79 14.83 -6.69
CA TYR A 50 -2.46 16.08 -6.32
C TYR A 50 -3.52 15.84 -5.26
N ALA A 51 -3.58 14.62 -4.68
CA ALA A 51 -4.59 14.25 -3.71
C ALA A 51 -4.01 13.82 -2.38
N GLU A 52 -2.71 14.05 -2.16
CA GLU A 52 -2.04 13.81 -0.86
C GLU A 52 -2.13 12.34 -0.44
N LEU A 53 -2.12 11.42 -1.41
CA LEU A 53 -2.34 10.02 -1.10
C LEU A 53 -1.11 9.25 -0.65
N LEU A 54 -0.04 9.39 -1.40
CA LEU A 54 1.15 8.55 -1.19
C LEU A 54 2.08 9.03 -0.12
N SER A 55 2.77 8.07 0.51
CA SER A 55 3.88 8.42 1.39
C SER A 55 5.03 8.82 0.45
N ALA A 56 6.03 9.53 0.96
CA ALA A 56 7.15 9.91 0.08
C ALA A 56 7.84 8.66 -0.46
N ALA A 57 7.99 7.63 0.39
CA ALA A 57 8.66 6.41 -0.05
C ALA A 57 7.83 5.65 -1.10
N GLU A 58 6.50 5.62 -0.95
CA GLU A 58 5.69 4.96 -1.96
C GLU A 58 5.78 5.70 -3.28
N LYS A 59 5.79 7.05 -3.25
CA LYS A 59 5.87 7.82 -4.47
C LYS A 59 7.19 7.54 -5.17
N ALA A 60 8.31 7.57 -4.43
CA ALA A 60 9.62 7.32 -5.06
C ALA A 60 9.72 5.92 -5.65
N SER A 61 9.16 4.92 -4.96
CA SER A 61 9.21 3.54 -5.45
C SER A 61 8.40 3.40 -6.73
N LEU A 62 7.20 4.03 -6.75
CA LEU A 62 6.33 3.94 -7.92
C LEU A 62 6.95 4.68 -9.11
N GLU A 63 7.60 5.82 -8.86
CA GLU A 63 8.28 6.53 -9.95
C GLU A 63 9.35 5.63 -10.54
N ASN A 64 10.17 4.99 -9.68
CA ASN A 64 11.23 4.14 -10.22
C ASN A 64 10.63 3.03 -11.07
N LYS A 65 9.56 2.40 -10.57
CA LYS A 65 8.91 1.29 -11.29
C LYS A 65 8.38 1.74 -12.66
N LEU A 66 7.69 2.88 -12.70
CA LEU A 66 7.15 3.36 -13.98
C LEU A 66 8.22 3.70 -14.96
N ILE A 67 9.32 4.30 -14.49
CA ILE A 67 10.41 4.68 -15.38
C ILE A 67 11.06 3.42 -15.95
N LYS A 68 11.27 2.39 -15.11
CA LYS A 68 11.91 1.16 -15.62
C LYS A 68 11.00 0.42 -16.60
N TYR A 69 9.70 0.27 -16.24
CA TYR A 69 8.77 -0.36 -17.16
C TYR A 69 8.69 0.41 -18.48
N SER A 70 8.63 1.78 -18.43
CA SER A 70 8.53 2.58 -19.64
C SER A 70 9.76 2.36 -20.51
N ASP A 71 10.95 2.32 -19.87
CA ASP A 71 12.17 2.15 -20.64
C ASP A 71 12.20 0.82 -21.37
N THR A 72 11.93 -0.28 -20.66
CA THR A 72 12.04 -1.60 -21.29
C THR A 72 10.98 -1.93 -22.31
N THR A 73 9.79 -1.31 -22.18
CA THR A 73 8.68 -1.55 -23.12
C THR A 73 8.54 -0.49 -24.21
N SER A 74 9.44 0.53 -24.23
CA SER A 74 9.40 1.61 -25.22
C SER A 74 8.06 2.37 -25.15
N THR A 75 7.60 2.61 -23.92
CA THR A 75 6.37 3.34 -23.68
C THR A 75 6.64 4.51 -22.77
N GLN A 76 5.59 5.30 -22.46
CA GLN A 76 5.70 6.33 -21.43
C GLN A 76 4.50 6.14 -20.52
N ILE A 77 4.74 5.53 -19.33
CA ILE A 77 3.66 5.20 -18.38
C ILE A 77 3.70 6.18 -17.24
N VAL A 78 2.57 6.81 -16.96
CA VAL A 78 2.48 7.81 -15.90
C VAL A 78 1.26 7.55 -15.03
N VAL A 79 1.33 7.99 -13.77
CA VAL A 79 0.22 7.91 -12.82
C VAL A 79 -0.12 9.32 -12.37
N VAL A 80 -1.42 9.67 -12.44
CA VAL A 80 -1.93 10.95 -11.96
C VAL A 80 -3.00 10.64 -10.90
N ILE A 81 -2.90 11.27 -9.72
CA ILE A 81 -3.90 11.10 -8.67
C ILE A 81 -4.47 12.52 -8.41
N ILE A 82 -5.76 12.66 -8.60
CA ILE A 82 -6.45 13.94 -8.33
C ILE A 82 -7.55 13.73 -7.32
N PRO A 83 -8.01 14.78 -6.62
CA PRO A 83 -9.12 14.55 -5.69
C PRO A 83 -10.40 14.08 -6.39
N SER A 84 -10.74 14.70 -7.53
CA SER A 84 -12.03 14.43 -8.18
C SER A 84 -12.04 14.85 -9.63
N THR A 85 -13.00 14.31 -10.43
CA THR A 85 -13.15 14.76 -11.82
C THR A 85 -14.13 15.93 -11.90
N ASN A 86 -14.68 16.37 -10.76
CA ASN A 86 -15.63 17.48 -10.71
C ASN A 86 -16.85 17.22 -11.62
N GLY A 87 -17.31 15.96 -11.66
CA GLY A 87 -18.48 15.53 -12.42
C GLY A 87 -18.17 15.11 -13.86
N GLU A 88 -16.93 15.35 -14.31
CA GLU A 88 -16.59 14.99 -15.69
C GLU A 88 -16.32 13.50 -15.83
N ASN A 89 -16.45 13.00 -17.05
CA ASN A 89 -16.21 11.60 -17.34
C ASN A 89 -14.70 11.34 -17.21
N ILE A 90 -14.36 10.37 -16.34
CA ILE A 90 -12.92 10.09 -16.07
C ILE A 90 -12.11 9.64 -17.29
N ASN A 91 -12.75 8.88 -18.20
CA ASN A 91 -12.05 8.41 -19.39
C ASN A 91 -11.73 9.58 -20.32
N TYR A 92 -12.67 10.53 -20.46
CA TYR A 92 -12.44 11.68 -21.30
C TYR A 92 -11.47 12.66 -20.64
N LEU A 93 -11.50 12.76 -19.30
CA LEU A 93 -10.54 13.60 -18.61
C LEU A 93 -9.12 13.03 -18.82
N GLY A 94 -8.96 11.72 -18.63
CA GLY A 94 -7.64 11.11 -18.82
C GLY A 94 -7.13 11.32 -20.23
N ALA A 95 -8.01 11.23 -21.23
CA ALA A 95 -7.62 11.44 -22.64
C ALA A 95 -7.15 12.89 -22.84
N GLN A 96 -7.89 13.86 -22.26
CA GLN A 96 -7.52 15.28 -22.36
C GLN A 96 -6.19 15.51 -21.68
N TRP A 97 -5.98 14.90 -20.53
CA TRP A 97 -4.74 15.02 -19.78
C TRP A 97 -3.56 14.47 -20.58
N GLY A 98 -3.69 13.25 -21.11
CA GLY A 98 -2.67 12.59 -21.92
C GLY A 98 -2.28 13.40 -23.14
N GLU A 99 -3.28 13.99 -23.80
CA GLU A 99 -3.06 14.82 -24.97
C GLU A 99 -2.32 16.11 -24.58
N LYS A 100 -2.80 16.82 -23.53
CA LYS A 100 -2.18 18.07 -23.11
C LYS A 100 -0.72 17.94 -22.71
N TRP A 101 -0.39 16.88 -21.96
CA TRP A 101 0.97 16.67 -21.48
C TRP A 101 1.86 15.95 -22.47
N GLY A 102 1.29 15.57 -23.61
CA GLY A 102 2.02 14.87 -24.65
C GLY A 102 2.57 13.52 -24.22
N ILE A 103 1.79 12.82 -23.36
CA ILE A 103 2.20 11.52 -22.87
C ILE A 103 2.34 10.55 -24.03
N GLY A 104 3.55 10.02 -24.17
CA GLY A 104 3.90 9.10 -25.23
C GLY A 104 4.37 9.75 -26.52
N GLN A 105 4.40 11.09 -26.56
CA GLN A 105 4.83 11.79 -27.80
C GLN A 105 6.26 11.53 -28.21
N ALA A 106 7.17 11.32 -27.24
CA ALA A 106 8.58 11.02 -27.57
C ALA A 106 8.79 9.52 -27.81
N LYS A 107 7.73 8.72 -27.65
CA LYS A 107 7.75 7.27 -27.79
C LYS A 107 6.74 6.73 -28.82
N GLU A 108 6.54 7.47 -29.96
CA GLU A 108 5.66 7.06 -31.06
C GLU A 108 4.24 6.72 -30.60
N ASP A 109 3.64 7.63 -29.81
CA ASP A 109 2.28 7.50 -29.27
C ASP A 109 2.05 6.24 -28.42
N ASN A 110 3.11 5.80 -27.70
CA ASN A 110 3.03 4.64 -26.80
C ASN A 110 2.83 5.16 -25.34
N GLY A 111 1.93 6.12 -25.15
CA GLY A 111 1.66 6.67 -23.83
C GLY A 111 0.62 5.86 -23.10
N VAL A 112 0.77 5.74 -21.78
CA VAL A 112 -0.19 5.04 -20.92
C VAL A 112 -0.36 5.95 -19.71
N LEU A 113 -1.59 6.44 -19.48
CA LEU A 113 -1.85 7.29 -18.33
C LEU A 113 -2.84 6.60 -17.41
N ILE A 114 -2.46 6.37 -16.15
CA ILE A 114 -3.35 5.82 -15.12
C ILE A 114 -3.81 7.05 -14.34
N ILE A 115 -5.13 7.33 -14.35
CA ILE A 115 -5.66 8.49 -13.63
C ILE A 115 -6.66 8.06 -12.59
N LEU A 116 -6.35 8.36 -11.32
CA LEU A 116 -7.19 8.01 -10.19
C LEU A 116 -7.85 9.29 -9.66
N ALA A 117 -9.21 9.34 -9.63
CA ALA A 117 -9.95 10.44 -9.00
C ALA A 117 -10.32 9.86 -7.62
N LEU A 118 -9.43 10.14 -6.65
CA LEU A 118 -9.48 9.54 -5.33
C LEU A 118 -10.80 9.62 -4.57
N ASN A 119 -11.35 10.85 -4.42
CA ASN A 119 -12.60 11.01 -3.68
C ASN A 119 -13.76 10.38 -4.42
N ASP A 120 -13.69 10.34 -5.76
CA ASP A 120 -14.73 9.76 -6.61
C ASP A 120 -14.69 8.25 -6.62
N LYS A 121 -13.57 7.65 -6.17
CA LYS A 121 -13.33 6.20 -6.19
C LYS A 121 -13.41 5.64 -7.59
N ARG A 122 -12.86 6.41 -8.55
CA ARG A 122 -12.87 5.99 -9.95
C ARG A 122 -11.49 6.09 -10.53
N ILE A 123 -11.20 5.22 -11.48
CA ILE A 123 -9.89 5.19 -12.11
C ILE A 123 -10.06 4.86 -13.59
N ALA A 124 -9.17 5.41 -14.42
CA ALA A 124 -9.15 5.13 -15.85
C ALA A 124 -7.73 4.88 -16.32
N ILE A 125 -7.59 4.13 -17.42
CA ILE A 125 -6.32 3.92 -18.08
C ILE A 125 -6.48 4.44 -19.49
N ASN A 126 -5.71 5.44 -19.85
CA ASN A 126 -5.78 6.02 -21.18
C ASN A 126 -4.58 5.61 -22.00
N THR A 127 -4.79 5.21 -23.24
CA THR A 127 -3.69 4.70 -24.06
C THR A 127 -3.55 5.46 -25.35
N GLY A 128 -2.31 5.68 -25.78
CA GLY A 128 -2.07 6.26 -27.09
C GLY A 128 -2.36 5.19 -28.14
N TYR A 129 -2.45 5.58 -29.41
CA TYR A 129 -2.71 4.64 -30.50
C TYR A 129 -1.70 3.50 -30.62
N GLY A 130 -0.43 3.76 -30.30
CA GLY A 130 0.65 2.79 -30.41
C GLY A 130 0.59 1.53 -29.55
N VAL A 131 -0.05 1.60 -28.36
CA VAL A 131 -0.13 0.42 -27.48
C VAL A 131 -1.54 -0.13 -27.33
N GLU A 132 -2.53 0.56 -27.91
CA GLU A 132 -3.94 0.17 -27.82
C GLU A 132 -4.22 -1.25 -28.31
N HIS A 133 -3.38 -1.82 -29.21
CA HIS A 133 -3.62 -3.17 -29.70
C HIS A 133 -3.43 -4.24 -28.62
N LEU A 134 -2.50 -3.99 -27.66
CA LEU A 134 -2.27 -4.92 -26.55
C LEU A 134 -3.08 -4.47 -25.37
N LEU A 135 -3.01 -3.16 -25.03
CA LEU A 135 -3.75 -2.61 -23.92
C LEU A 135 -5.06 -2.03 -24.46
N THR A 136 -5.99 -2.93 -24.89
CA THR A 136 -7.31 -2.57 -25.43
C THR A 136 -8.19 -2.01 -24.31
N ASP A 137 -9.35 -1.41 -24.66
CA ASP A 137 -10.28 -0.96 -23.64
C ASP A 137 -10.69 -2.15 -22.73
N ALA A 138 -10.90 -3.35 -23.30
CA ALA A 138 -11.26 -4.56 -22.55
C ALA A 138 -10.17 -4.91 -21.55
N MET A 139 -8.89 -4.92 -21.96
CA MET A 139 -7.77 -5.25 -21.07
C MET A 139 -7.60 -4.21 -19.99
N SER A 140 -7.73 -2.92 -20.32
CA SER A 140 -7.64 -1.86 -19.32
C SER A 140 -8.75 -2.02 -18.30
N LYS A 141 -10.00 -2.33 -18.76
CA LYS A 141 -11.12 -2.53 -17.86
C LYS A 141 -10.86 -3.74 -16.98
N ARG A 142 -10.27 -4.81 -17.54
CA ARG A 142 -9.96 -6.00 -16.78
C ARG A 142 -8.94 -5.67 -15.68
N ILE A 143 -7.88 -4.89 -16.03
CA ILE A 143 -6.87 -4.51 -15.04
C ILE A 143 -7.57 -3.72 -13.92
N ILE A 144 -8.45 -2.78 -14.29
CA ILE A 144 -9.13 -2.03 -13.26
C ILE A 144 -9.96 -2.94 -12.36
N GLU A 145 -10.74 -3.85 -12.97
CA GLU A 145 -11.62 -4.72 -12.20
C GLU A 145 -10.89 -5.74 -11.34
N LEU A 146 -9.90 -6.43 -11.92
CA LEU A 146 -9.27 -7.58 -11.29
C LEU A 146 -7.96 -7.31 -10.59
N ASP A 147 -7.25 -6.27 -11.05
CA ASP A 147 -5.93 -5.98 -10.48
C ASP A 147 -5.95 -4.82 -9.52
N ILE A 148 -6.61 -3.72 -9.87
CA ILE A 148 -6.57 -2.52 -9.04
C ILE A 148 -7.68 -2.45 -8.00
N THR A 149 -8.93 -2.57 -8.45
CA THR A 149 -10.09 -2.41 -7.58
C THR A 149 -10.05 -3.32 -6.35
N PRO A 150 -9.62 -4.58 -6.40
CA PRO A 150 -9.62 -5.40 -5.17
C PRO A 150 -8.75 -4.77 -4.07
N PHE A 151 -7.63 -4.13 -4.43
CA PHE A 151 -6.81 -3.43 -3.44
C PHE A 151 -7.56 -2.23 -2.88
N PHE A 152 -8.24 -1.46 -3.76
CA PHE A 152 -9.01 -0.32 -3.28
C PHE A 152 -10.10 -0.78 -2.29
N LYS A 153 -10.80 -1.92 -2.60
CA LYS A 153 -11.83 -2.45 -1.70
C LYS A 153 -11.28 -2.81 -0.33
N ARG A 154 -10.00 -3.23 -0.27
CA ARG A 154 -9.32 -3.57 0.99
C ARG A 154 -8.71 -2.33 1.64
N LYS A 155 -8.96 -1.11 1.12
CA LYS A 155 -8.40 0.12 1.68
C LYS A 155 -6.87 0.11 1.56
N ASP A 156 -6.42 -0.22 0.37
CA ASP A 156 -5.02 -0.24 0.01
C ASP A 156 -4.87 0.47 -1.34
N TYR A 157 -5.11 1.78 -1.35
CA TYR A 157 -5.04 2.53 -2.59
C TYR A 157 -3.65 2.57 -3.20
N PRO A 158 -2.57 2.82 -2.42
CA PRO A 158 -1.23 2.79 -3.02
C PRO A 158 -0.88 1.40 -3.57
N GLY A 159 -1.31 0.35 -2.88
CA GLY A 159 -1.09 -1.02 -3.35
C GLY A 159 -1.80 -1.29 -4.66
N GLY A 160 -3.00 -0.72 -4.84
CA GLY A 160 -3.73 -0.90 -6.09
C GLY A 160 -3.03 -0.23 -7.26
N LEU A 161 -2.45 0.97 -7.04
CA LEU A 161 -1.71 1.64 -8.11
C LEU A 161 -0.47 0.85 -8.47
N ASP A 162 0.22 0.31 -7.46
CA ASP A 162 1.42 -0.47 -7.69
C ASP A 162 1.10 -1.74 -8.49
N ARG A 163 0.03 -2.45 -8.12
CA ARG A 163 -0.35 -3.62 -8.88
C ARG A 163 -0.82 -3.25 -10.29
N GLY A 164 -1.49 -2.09 -10.42
CA GLY A 164 -1.92 -1.65 -11.74
C GLY A 164 -0.73 -1.44 -12.66
N ALA A 165 0.36 -0.85 -12.15
CA ALA A 165 1.56 -0.66 -12.96
C ALA A 165 2.12 -2.03 -13.38
N ASP A 166 2.17 -2.97 -12.46
CA ASP A 166 2.69 -4.32 -12.78
C ASP A 166 1.81 -5.01 -13.83
N ALA A 167 0.48 -4.85 -13.71
CA ALA A 167 -0.45 -5.51 -14.65
C ALA A 167 -0.32 -4.89 -16.04
N ILE A 168 -0.12 -3.58 -16.12
CA ILE A 168 0.09 -2.91 -17.40
C ILE A 168 1.41 -3.46 -18.00
N PHE A 169 2.46 -3.60 -17.20
CA PHE A 169 3.72 -4.17 -17.69
C PHE A 169 3.50 -5.60 -18.19
N GLU A 170 2.71 -6.40 -17.45
CA GLU A 170 2.41 -7.76 -17.92
C GLU A 170 1.72 -7.73 -19.29
N VAL A 171 0.72 -6.86 -19.48
CA VAL A 171 0.02 -6.80 -20.76
C VAL A 171 1.00 -6.40 -21.87
N LEU A 172 1.86 -5.42 -21.59
CA LEU A 172 2.79 -4.92 -22.61
C LEU A 172 3.82 -5.95 -23.02
N THR A 173 4.15 -6.89 -22.12
CA THR A 173 5.17 -7.90 -22.37
C THR A 173 4.61 -9.30 -22.65
N GLY A 174 3.30 -9.43 -22.85
CA GLY A 174 2.68 -10.72 -23.15
C GLY A 174 2.72 -11.71 -21.99
N GLU A 175 2.63 -11.20 -20.73
CA GLU A 175 2.68 -12.04 -19.55
C GLU A 175 1.43 -11.89 -18.69
N TYR A 176 0.38 -11.23 -19.21
CA TYR A 176 -0.84 -11.07 -18.41
C TYR A 176 -1.64 -12.36 -18.45
N GLN A 177 -2.12 -12.76 -17.27
CA GLN A 177 -2.79 -14.06 -17.14
C GLN A 177 -4.31 -13.99 -17.16
N GLY A 178 -4.87 -12.81 -17.30
CA GLY A 178 -6.32 -12.65 -17.38
C GLY A 178 -6.80 -12.35 -18.79
N SER A 179 -8.00 -12.07 -18.89
N PHE B 35 -13.65 -12.63 22.28
CA PHE B 35 -12.87 -13.15 21.14
C PHE B 35 -12.16 -14.47 21.50
N THR B 36 -12.23 -15.42 20.56
CA THR B 36 -11.59 -16.74 20.66
C THR B 36 -10.24 -16.76 19.97
N ILE B 37 -9.19 -16.78 20.78
CA ILE B 37 -7.86 -16.85 20.20
C ILE B 37 -7.66 -18.19 19.58
N PRO B 38 -7.15 -18.17 18.35
CA PRO B 38 -6.85 -19.37 17.56
C PRO B 38 -5.68 -20.19 18.10
N GLU B 39 -5.73 -21.48 17.79
CA GLU B 39 -4.80 -22.45 18.32
C GLU B 39 -3.37 -22.15 17.92
N VAL B 40 -2.48 -22.36 18.87
CA VAL B 40 -1.04 -22.07 18.75
C VAL B 40 -0.58 -22.68 17.41
N PRO B 41 -0.01 -21.91 16.46
CA PRO B 41 0.40 -22.53 15.19
C PRO B 41 1.52 -23.52 15.43
N LYS B 42 1.57 -24.60 14.64
CA LYS B 42 2.67 -25.56 14.81
C LYS B 42 3.94 -24.89 14.26
N GLU B 43 3.85 -24.32 13.04
CA GLU B 43 4.93 -23.62 12.35
C GLU B 43 4.68 -22.10 12.49
N GLN B 44 5.24 -21.46 13.53
CA GLN B 44 5.05 -20.03 13.83
C GLN B 44 5.80 -19.04 12.90
N THR B 45 5.03 -18.27 12.06
CA THR B 45 5.53 -17.25 11.13
C THR B 45 5.36 -15.83 11.76
N SER B 46 5.63 -14.78 10.99
CA SER B 46 5.59 -13.43 11.57
C SER B 46 4.30 -12.61 11.27
N VAL B 47 3.49 -13.02 10.29
CA VAL B 47 2.27 -12.31 9.90
C VAL B 47 1.13 -13.30 9.86
N TYR B 48 0.02 -12.96 10.53
CA TYR B 48 -1.20 -13.80 10.53
C TYR B 48 -2.33 -12.91 10.09
N ASP B 49 -2.79 -13.07 8.84
CA ASP B 49 -3.83 -12.21 8.31
C ASP B 49 -5.12 -12.96 8.25
N TYR B 50 -5.98 -12.72 9.21
CA TYR B 50 -7.32 -13.35 9.30
C TYR B 50 -8.41 -12.45 8.75
N ALA B 51 -8.06 -11.31 8.18
CA ALA B 51 -9.02 -10.35 7.66
C ALA B 51 -8.92 -10.13 6.13
N GLU B 52 -8.09 -10.93 5.46
CA GLU B 52 -7.93 -10.92 3.99
C GLU B 52 -7.48 -9.54 3.52
N LEU B 53 -6.62 -8.86 4.33
CA LEU B 53 -6.21 -7.50 4.02
C LEU B 53 -5.08 -7.40 2.99
N LEU B 54 -4.04 -8.18 3.18
CA LEU B 54 -2.83 -8.09 2.40
C LEU B 54 -2.83 -8.85 1.10
N SER B 55 -2.10 -8.32 0.08
CA SER B 55 -1.84 -9.12 -1.10
C SER B 55 -0.79 -10.16 -0.67
N ALA B 56 -0.61 -11.23 -1.45
CA ALA B 56 0.42 -12.22 -1.08
C ALA B 56 1.78 -11.55 -1.05
N ALA B 57 2.08 -10.63 -1.99
CA ALA B 57 3.38 -9.99 -2.02
C ALA B 57 3.56 -9.05 -0.83
N GLU B 58 2.52 -8.35 -0.42
CA GLU B 58 2.68 -7.50 0.77
C GLU B 58 2.91 -8.33 2.01
N LYS B 59 2.22 -9.49 2.14
CA LYS B 59 2.42 -10.34 3.29
C LYS B 59 3.85 -10.85 3.31
N ALA B 60 4.41 -11.29 2.16
CA ALA B 60 5.78 -11.79 2.13
C ALA B 60 6.78 -10.69 2.45
N SER B 61 6.55 -9.46 1.98
CA SER B 61 7.45 -8.33 2.26
C SER B 61 7.42 -7.97 3.74
N LEU B 62 6.23 -7.98 4.36
CA LEU B 62 6.12 -7.66 5.78
C LEU B 62 6.76 -8.77 6.61
N GLU B 63 6.60 -10.03 6.22
CA GLU B 63 7.26 -11.14 6.93
C GLU B 63 8.76 -10.93 6.87
N ASN B 64 9.31 -10.61 5.68
CA ASN B 64 10.77 -10.39 5.58
C ASN B 64 11.21 -9.27 6.51
N LYS B 65 10.47 -8.19 6.53
CA LYS B 65 10.82 -7.05 7.36
C LYS B 65 10.80 -7.39 8.85
N LEU B 66 9.75 -8.08 9.29
CA LEU B 66 9.63 -8.44 10.71
C LEU B 66 10.72 -9.41 11.11
N ILE B 67 11.11 -10.35 10.23
CA ILE B 67 12.17 -11.29 10.56
C ILE B 67 13.49 -10.54 10.69
N LYS B 68 13.78 -9.62 9.77
CA LYS B 68 15.04 -8.84 9.81
C LYS B 68 15.11 -7.99 11.07
N TYR B 69 14.03 -7.27 11.35
CA TYR B 69 13.99 -6.42 12.54
C TYR B 69 14.08 -7.23 13.83
N SER B 70 13.37 -8.37 13.89
CA SER B 70 13.41 -9.24 15.07
C SER B 70 14.84 -9.74 15.31
N ASP B 71 15.51 -10.14 14.24
CA ASP B 71 16.89 -10.66 14.35
C ASP B 71 17.84 -9.57 14.87
N THR B 72 17.81 -8.37 14.25
CA THR B 72 18.72 -7.26 14.61
C THR B 72 18.54 -6.79 16.06
N THR B 73 17.29 -6.78 16.55
CA THR B 73 16.95 -6.24 17.87
C THR B 73 16.80 -7.28 18.97
N SER B 74 17.03 -8.57 18.64
CA SER B 74 16.87 -9.66 19.62
C SER B 74 15.45 -9.70 20.21
N THR B 75 14.45 -9.50 19.33
CA THR B 75 13.06 -9.53 19.71
C THR B 75 12.33 -10.55 18.83
N GLN B 76 11.03 -10.72 19.07
CA GLN B 76 10.19 -11.52 18.18
C GLN B 76 8.98 -10.65 17.88
N ILE B 77 8.96 -10.03 16.66
CA ILE B 77 7.91 -9.06 16.30
C ILE B 77 6.94 -9.75 15.35
N VAL B 78 5.63 -9.73 15.73
CA VAL B 78 4.61 -10.44 14.98
C VAL B 78 3.43 -9.51 14.72
N VAL B 79 2.82 -9.65 13.54
CA VAL B 79 1.63 -8.89 13.21
C VAL B 79 0.47 -9.86 13.07
N VAL B 80 -0.65 -9.53 13.73
CA VAL B 80 -1.91 -10.27 13.64
C VAL B 80 -2.97 -9.28 13.15
N ILE B 81 -3.70 -9.65 12.07
CA ILE B 81 -4.77 -8.82 11.53
C ILE B 81 -6.04 -9.64 11.67
N ILE B 82 -7.00 -9.11 12.43
CA ILE B 82 -8.29 -9.81 12.60
C ILE B 82 -9.40 -8.86 12.14
N PRO B 83 -10.59 -9.39 11.77
CA PRO B 83 -11.67 -8.48 11.43
C PRO B 83 -12.07 -7.56 12.60
N SER B 84 -12.18 -8.11 13.81
CA SER B 84 -12.68 -7.34 14.94
C SER B 84 -12.37 -8.04 16.24
N THR B 85 -12.40 -7.29 17.36
CA THR B 85 -12.24 -7.96 18.68
C THR B 85 -13.59 -8.45 19.20
N ASN B 86 -14.68 -8.18 18.44
CA ASN B 86 -16.04 -8.58 18.83
C ASN B 86 -16.43 -7.98 20.19
N GLY B 87 -15.96 -6.77 20.48
CA GLY B 87 -16.28 -6.08 21.71
C GLY B 87 -15.27 -6.25 22.81
N GLU B 88 -14.31 -7.20 22.68
CA GLU B 88 -13.26 -7.40 23.69
C GLU B 88 -12.25 -6.25 23.64
N ASN B 89 -11.70 -5.86 24.81
CA ASN B 89 -10.69 -4.80 24.84
C ASN B 89 -9.44 -5.27 24.08
N ILE B 90 -9.04 -4.50 23.05
CA ILE B 90 -7.89 -4.86 22.19
C ILE B 90 -6.57 -5.02 22.95
N ASN B 91 -6.35 -4.18 23.96
CA ASN B 91 -5.11 -4.25 24.74
C ASN B 91 -5.06 -5.52 25.60
N TYR B 92 -6.19 -5.91 26.19
CA TYR B 92 -6.27 -7.14 26.96
C TYR B 92 -6.17 -8.37 26.03
N LEU B 93 -6.81 -8.29 24.86
CA LEU B 93 -6.71 -9.36 23.87
C LEU B 93 -5.25 -9.55 23.43
N GLY B 94 -4.55 -8.43 23.18
CA GLY B 94 -3.14 -8.44 22.79
C GLY B 94 -2.24 -9.12 23.81
N ALA B 95 -2.47 -8.85 25.08
CA ALA B 95 -1.73 -9.47 26.18
C ALA B 95 -1.99 -10.99 26.24
N GLN B 96 -3.27 -11.42 26.12
CA GLN B 96 -3.61 -12.85 26.13
C GLN B 96 -3.08 -13.61 24.91
N TRP B 97 -3.13 -13.00 23.69
CA TRP B 97 -2.65 -13.61 22.45
C TRP B 97 -1.14 -13.86 22.51
N GLY B 98 -0.37 -12.86 22.93
CA GLY B 98 1.08 -12.98 23.04
C GLY B 98 1.52 -14.09 23.97
N GLU B 99 0.84 -14.21 25.10
CA GLU B 99 1.08 -15.26 26.10
C GLU B 99 0.74 -16.64 25.51
N LYS B 100 -0.46 -16.78 24.92
CA LYS B 100 -0.90 -18.08 24.40
C LYS B 100 -0.01 -18.64 23.30
N TRP B 101 0.45 -17.79 22.39
CA TRP B 101 1.27 -18.23 21.28
C TRP B 101 2.77 -18.23 21.58
N GLY B 102 3.11 -17.81 22.78
CA GLY B 102 4.49 -17.76 23.26
C GLY B 102 5.37 -16.82 22.45
N ILE B 103 4.80 -15.67 22.03
CA ILE B 103 5.52 -14.67 21.24
C ILE B 103 6.60 -14.05 22.14
N GLY B 104 7.85 -14.28 21.77
CA GLY B 104 9.00 -13.81 22.53
C GLY B 104 9.46 -14.81 23.57
N ASP B 109 11.36 -12.77 27.45
CA ASP B 109 10.10 -12.18 27.01
C ASP B 109 10.35 -10.91 26.18
N ASN B 110 10.80 -11.12 24.94
CA ASN B 110 11.16 -10.01 24.04
C ASN B 110 10.09 -9.69 23.01
N GLY B 111 8.94 -10.35 23.14
CA GLY B 111 7.91 -10.35 22.11
C GLY B 111 7.27 -9.01 21.92
N VAL B 112 6.95 -8.72 20.67
CA VAL B 112 6.21 -7.50 20.29
C VAL B 112 5.10 -7.98 19.37
N LEU B 113 3.86 -7.86 19.82
CA LEU B 113 2.73 -8.31 19.01
C LEU B 113 1.91 -7.10 18.62
N ILE B 114 1.74 -6.94 17.33
CA ILE B 114 0.92 -5.85 16.81
C ILE B 114 -0.39 -6.49 16.38
N ILE B 115 -1.49 -6.08 16.99
CA ILE B 115 -2.80 -6.63 16.59
C ILE B 115 -3.62 -5.51 15.98
N LEU B 116 -4.01 -5.69 14.71
CA LEU B 116 -4.89 -4.75 14.03
C LEU B 116 -6.27 -5.39 13.97
N ALA B 117 -7.23 -4.71 14.55
CA ALA B 117 -8.63 -5.14 14.47
C ALA B 117 -9.21 -4.22 13.37
N LEU B 118 -9.17 -4.76 12.14
CA LEU B 118 -9.42 -4.01 10.93
C LEU B 118 -10.77 -3.27 10.87
N ASN B 119 -11.88 -3.99 11.08
CA ASN B 119 -13.21 -3.34 11.02
C ASN B 119 -13.38 -2.34 12.15
N ASP B 120 -12.72 -2.60 13.30
CA ASP B 120 -12.80 -1.75 14.49
C ASP B 120 -11.99 -0.47 14.31
N LYS B 121 -11.05 -0.44 13.33
CA LYS B 121 -10.11 0.66 13.09
C LYS B 121 -9.30 0.94 14.35
N ARG B 122 -8.88 -0.14 15.03
CA ARG B 122 -8.10 -0.06 16.26
C ARG B 122 -6.95 -1.03 16.16
N ILE B 123 -5.86 -0.61 16.78
CA ILE B 123 -4.64 -1.37 16.74
C ILE B 123 -4.01 -1.24 18.11
N ALA B 124 -3.34 -2.30 18.54
CA ALA B 124 -2.62 -2.29 19.80
C ALA B 124 -1.27 -2.93 19.57
N ILE B 125 -0.30 -2.55 20.41
CA ILE B 125 1.03 -3.12 20.39
C ILE B 125 1.26 -3.68 21.78
N ASN B 126 1.47 -5.00 21.88
CA ASN B 126 1.70 -5.64 23.17
C ASN B 126 3.20 -5.95 23.29
N THR B 127 3.84 -5.54 24.40
CA THR B 127 5.27 -5.76 24.55
C THR B 127 5.57 -6.65 25.69
N GLY B 128 6.51 -7.54 25.46
CA GLY B 128 6.96 -8.45 26.50
C GLY B 128 7.73 -7.68 27.55
N TYR B 129 7.81 -8.28 28.75
CA TYR B 129 8.50 -7.69 29.88
C TYR B 129 9.96 -7.25 29.57
N GLY B 130 10.65 -8.03 28.72
CA GLY B 130 12.05 -7.78 28.37
C GLY B 130 12.29 -6.60 27.46
N VAL B 131 11.28 -6.21 26.68
CA VAL B 131 11.38 -5.16 25.68
C VAL B 131 10.66 -3.84 26.07
N GLU B 132 9.87 -3.86 27.18
CA GLU B 132 9.05 -2.73 27.64
C GLU B 132 9.82 -1.43 27.97
N HIS B 133 11.09 -1.57 28.40
CA HIS B 133 11.89 -0.40 28.75
C HIS B 133 12.25 0.45 27.53
N LEU B 134 12.40 -0.18 26.37
CA LEU B 134 12.70 0.51 25.12
C LEU B 134 11.42 0.91 24.47
N LEU B 135 10.58 -0.08 24.20
CA LEU B 135 9.30 0.19 23.58
C LEU B 135 8.25 0.33 24.67
N THR B 136 8.17 1.54 25.23
CA THR B 136 7.23 1.84 26.31
C THR B 136 5.81 1.95 25.76
N ASP B 137 4.79 1.81 26.64
CA ASP B 137 3.39 1.94 26.24
C ASP B 137 3.11 3.33 25.62
N ALA B 138 3.80 4.35 26.10
CA ALA B 138 3.82 5.71 25.53
C ALA B 138 4.36 5.87 24.13
N MET B 139 5.48 5.18 23.88
CA MET B 139 6.09 5.10 22.57
C MET B 139 5.18 4.36 21.58
N SER B 140 4.57 3.28 22.06
CA SER B 140 3.68 2.46 21.23
C SER B 140 2.45 3.29 20.83
N LYS B 141 1.87 4.06 21.79
CA LYS B 141 0.70 4.90 21.48
C LYS B 141 1.09 6.00 20.48
N ARG B 142 2.29 6.56 20.62
CA ARG B 142 2.77 7.60 19.70
C ARG B 142 2.92 7.00 18.28
N ILE B 143 3.53 5.79 18.18
CA ILE B 143 3.66 5.14 16.87
C ILE B 143 2.28 4.95 16.24
N ILE B 144 1.32 4.49 17.04
CA ILE B 144 -0.03 4.31 16.49
C ILE B 144 -0.58 5.64 15.98
N GLU B 145 -0.44 6.70 16.78
CA GLU B 145 -1.02 7.98 16.40
C GLU B 145 -0.33 8.65 15.19
N LEU B 146 1.02 8.69 15.23
CA LEU B 146 1.77 9.48 14.25
C LEU B 146 2.30 8.71 13.07
N ASP B 147 2.52 7.39 13.24
CA ASP B 147 3.14 6.60 12.19
C ASP B 147 2.14 5.72 11.49
N ILE B 148 1.21 5.08 12.20
CA ILE B 148 0.30 4.14 11.56
C ILE B 148 -1.02 4.76 11.13
N THR B 149 -1.71 5.39 12.07
CA THR B 149 -3.03 5.94 11.80
C THR B 149 -3.11 6.87 10.58
N PRO B 150 -2.13 7.75 10.32
CA PRO B 150 -2.24 8.62 9.12
C PRO B 150 -2.35 7.83 7.82
N PHE B 151 -1.66 6.68 7.74
CA PHE B 151 -1.78 5.82 6.56
C PHE B 151 -3.18 5.23 6.49
N PHE B 152 -3.71 4.76 7.64
CA PHE B 152 -5.08 4.23 7.65
C PHE B 152 -6.08 5.29 7.16
N LYS B 153 -5.94 6.54 7.61
CA LYS B 153 -6.85 7.59 7.20
C LYS B 153 -6.81 7.86 5.70
N ARG B 154 -5.65 7.62 5.05
CA ARG B 154 -5.47 7.75 3.61
C ARG B 154 -5.88 6.48 2.86
N LYS B 155 -6.47 5.48 3.56
CA LYS B 155 -6.87 4.22 2.92
C LYS B 155 -5.65 3.48 2.38
N ASP B 156 -4.66 3.40 3.25
CA ASP B 156 -3.43 2.67 2.96
C ASP B 156 -3.12 1.82 4.20
N TYR B 157 -3.97 0.81 4.47
CA TYR B 157 -3.76 -0.04 5.64
C TYR B 157 -2.48 -0.83 5.58
N PRO B 158 -2.12 -1.48 4.45
CA PRO B 158 -0.85 -2.21 4.41
C PRO B 158 0.34 -1.26 4.59
N GLY B 159 0.26 -0.04 4.06
CA GLY B 159 1.31 0.94 4.24
C GLY B 159 1.47 1.36 5.69
N GLY B 160 0.35 1.41 6.43
CA GLY B 160 0.42 1.77 7.85
C GLY B 160 1.08 0.67 8.67
N LEU B 161 0.83 -0.60 8.34
CA LEU B 161 1.48 -1.70 9.06
C LEU B 161 2.97 -1.74 8.75
N ASP B 162 3.33 -1.46 7.49
CA ASP B 162 4.73 -1.43 7.09
C ASP B 162 5.47 -0.30 7.83
N ARG B 163 4.86 0.89 7.86
CA ARG B 163 5.50 1.99 8.58
C ARG B 163 5.53 1.72 10.08
N GLY B 164 4.51 1.07 10.62
CA GLY B 164 4.50 0.72 12.04
C GLY B 164 5.68 -0.18 12.40
N ALA B 165 5.98 -1.18 11.55
CA ALA B 165 7.11 -2.05 11.79
C ALA B 165 8.41 -1.20 11.78
N ASP B 166 8.54 -0.28 10.82
CA ASP B 166 9.74 0.54 10.76
C ASP B 166 9.86 1.43 12.01
N ALA B 167 8.74 1.99 12.47
CA ALA B 167 8.77 2.88 13.62
C ALA B 167 9.11 2.11 14.91
N ILE B 168 8.62 0.85 15.04
CA ILE B 168 8.97 0.02 16.18
C ILE B 168 10.48 -0.23 16.12
N PHE B 169 11.01 -0.55 14.94
CA PHE B 169 12.46 -0.75 14.79
C PHE B 169 13.24 0.51 15.19
N GLU B 170 12.76 1.69 14.77
CA GLU B 170 13.41 2.96 15.15
C GLU B 170 13.44 3.11 16.68
N VAL B 171 12.33 2.82 17.36
CA VAL B 171 12.31 2.97 18.83
C VAL B 171 13.29 1.98 19.44
N LEU B 172 13.28 0.72 18.94
CA LEU B 172 14.16 -0.31 19.53
C LEU B 172 15.64 -0.02 19.34
N THR B 173 15.99 0.78 18.33
CA THR B 173 17.38 1.09 18.00
C THR B 173 17.79 2.53 18.36
N GLY B 174 16.92 3.26 19.06
CA GLY B 174 17.24 4.64 19.47
C GLY B 174 17.27 5.64 18.32
N GLU B 175 16.46 5.42 17.26
CA GLU B 175 16.42 6.28 16.10
C GLU B 175 15.07 6.90 15.84
N TYR B 176 14.16 6.83 16.81
CA TYR B 176 12.83 7.40 16.63
C TYR B 176 12.85 8.91 16.80
N GLN B 177 12.17 9.61 15.90
CA GLN B 177 12.22 11.07 15.85
C GLN B 177 10.99 11.76 16.42
N GLY B 178 10.06 11.00 16.98
CA GLY B 178 8.87 11.57 17.64
C GLY B 178 8.96 11.50 19.16
N SER B 179 10.00 11.05 19.69
#